data_7S15
#
_entry.id   7S15
#
_cell.length_a   1.00
_cell.length_b   1.00
_cell.length_c   1.00
_cell.angle_alpha   90.00
_cell.angle_beta   90.00
_cell.angle_gamma   90.00
#
_symmetry.space_group_name_H-M   'P 1'
#
loop_
_entity.id
_entity.type
_entity.pdbx_description
1 polymer 'Glucagon-like peptide 1 receptor'
2 non-polymer '2-[(4-{6-[(2,4-difluorophenyl)methoxy]pyridin-2-yl}piperidin-1-yl)methyl]-1-[(1-ethyl-1H-imidazol-5-yl)methyl]-1H-benzimidazole-6-carboxylic acid'
#
_entity_poly.entity_id   1
_entity_poly.type   'polypeptide(L)'
_entity_poly.pdbx_seq_one_letter_code
;RPQGATVSLWETVQKWREYRRQCQRSLTEDPPPATDLFCNRTFDEYACWPDGEPGSFVNVSCPWYLPWASSVPQGHVYRF
CTAEGLWLQKDNSSLPWRDLSECEESKRGERSSPEEQLLFLYYIYTVGYALSFSALVIASAILLGFRHLHCTRNYIHLNL
FASFILRALSVFIKDAALKWMYSTRAQQHEWDGLLRYQDSLSCRLVFLLMQYCVAANYYWLLVEGVYLYTLLAFSVASEQ
WIFRLYVSIGWGVPLLFVVPWGIVKYLAEDEGCWTRNSNMNYWLIIRLPILFAIGVNFLIFVRVICIVVSKLKANEMCKT
DIQCRLAKSTLTLIPLLGTHEVIFAFVMDEHARGTLRFIKLFTELSFTSFQGLMVAILYCFVNNEVQLEFRKSWERWRL
;
_entity_poly.pdbx_strand_id   R
#
loop_
_chem_comp.id
_chem_comp.type
_chem_comp.name
_chem_comp.formula
82L non-polymer '2-[(4-{6-[(2,4-difluorophenyl)methoxy]pyridin-2-yl}piperidin-1-yl)methyl]-1-[(1-ethyl-1H-imidazol-5-yl)methyl]-1H-benzimidazole-6-carboxylic acid' 'C32 H32 F2 N6 O3'
#
# COMPACT_ATOMS: atom_id res chain seq x y z
N VAL A 7 7.94 -1.14 15.03
CA VAL A 7 8.40 -2.28 15.81
C VAL A 7 7.26 -3.26 16.00
N SER A 8 7.27 -4.33 15.22
CA SER A 8 6.19 -5.31 15.23
C SER A 8 6.74 -6.63 14.68
N LEU A 9 5.83 -7.54 14.33
CA LEU A 9 6.22 -8.83 13.78
C LEU A 9 6.99 -8.70 12.47
N TRP A 10 6.81 -7.59 11.76
CA TRP A 10 7.47 -7.41 10.46
C TRP A 10 8.98 -7.43 10.61
N GLU A 11 9.50 -6.57 11.47
CA GLU A 11 10.93 -6.59 11.75
C GLU A 11 11.37 -7.92 12.32
N THR A 12 10.47 -8.63 13.00
CA THR A 12 10.84 -9.94 13.52
C THR A 12 11.08 -10.93 12.39
N VAL A 13 10.20 -10.95 11.39
CA VAL A 13 10.42 -11.78 10.22
C VAL A 13 11.73 -11.40 9.54
N GLN A 14 11.97 -10.11 9.38
CA GLN A 14 13.19 -9.67 8.70
C GLN A 14 14.44 -10.15 9.45
N LYS A 15 14.51 -9.84 10.74
CA LYS A 15 15.64 -10.27 11.55
C LYS A 15 15.78 -11.77 11.53
N TRP A 16 14.67 -12.50 11.50
CA TRP A 16 14.75 -13.95 11.42
C TRP A 16 15.36 -14.38 10.10
N ARG A 17 15.03 -13.67 9.01
CA ARG A 17 15.61 -14.02 7.73
C ARG A 17 17.10 -13.80 7.73
N GLU A 18 17.55 -12.70 8.35
CA GLU A 18 18.99 -12.47 8.45
C GLU A 18 19.67 -13.50 9.34
N TYR A 19 18.99 -13.89 10.43
CA TYR A 19 19.55 -14.89 11.32
C TYR A 19 19.68 -16.24 10.62
N ARG A 20 18.69 -16.60 9.81
CA ARG A 20 18.81 -17.82 9.03
C ARG A 20 19.94 -17.71 8.02
N ARG A 21 20.00 -16.58 7.31
CA ARG A 21 21.08 -16.32 6.38
C ARG A 21 22.44 -16.60 7.03
N GLN A 22 22.62 -16.12 8.26
CA GLN A 22 23.92 -16.26 8.90
C GLN A 22 24.14 -17.66 9.47
N CYS A 23 23.20 -18.15 10.27
CA CYS A 23 23.37 -19.47 10.88
C CYS A 23 23.45 -20.57 9.82
N GLN A 24 22.91 -20.36 8.63
CA GLN A 24 23.05 -21.38 7.60
C GLN A 24 24.50 -21.51 7.16
N ARG A 25 25.14 -20.39 6.82
CA ARG A 25 26.55 -20.45 6.48
C ARG A 25 27.39 -20.89 7.66
N SER A 26 26.95 -20.60 8.88
CA SER A 26 27.69 -21.05 10.05
C SER A 26 27.65 -22.58 10.15
N LEU A 27 26.45 -23.15 10.30
CA LEU A 27 26.29 -24.59 10.29
C LEU A 27 26.97 -25.21 9.08
N THR A 28 27.10 -24.45 8.00
CA THR A 28 27.86 -24.90 6.84
C THR A 28 29.33 -25.05 7.18
N GLU A 29 29.96 -23.98 7.67
CA GLU A 29 31.40 -23.95 7.88
C GLU A 29 31.77 -23.89 9.37
N ASP A 30 31.02 -24.62 10.19
CA ASP A 30 31.39 -24.83 11.59
C ASP A 30 32.47 -25.90 11.70
N PRO A 31 33.27 -25.86 12.77
CA PRO A 31 34.33 -26.86 12.95
C PRO A 31 33.77 -28.28 12.97
N PRO A 32 34.37 -29.19 12.24
CA PRO A 32 33.93 -30.59 12.27
C PRO A 32 34.57 -31.35 13.43
N PRO A 33 33.82 -32.23 14.09
CA PRO A 33 34.41 -33.06 15.16
C PRO A 33 35.09 -34.31 14.63
N ALA A 34 35.53 -35.19 15.53
CA ALA A 34 36.21 -36.42 15.15
C ALA A 34 35.26 -37.62 15.07
N THR A 35 34.61 -37.96 16.18
CA THR A 35 33.89 -39.22 16.28
C THR A 35 32.42 -39.00 16.64
N ASP A 36 31.63 -40.06 16.46
CA ASP A 36 30.18 -39.99 16.46
C ASP A 36 29.57 -39.86 17.85
N LEU A 37 30.36 -39.85 18.93
CA LEU A 37 29.80 -39.73 20.27
C LEU A 37 29.33 -38.30 20.57
N PHE A 38 29.28 -37.43 19.57
CA PHE A 38 28.76 -36.09 19.71
C PHE A 38 27.69 -35.87 18.64
N CYS A 39 26.57 -35.29 19.05
CA CYS A 39 25.43 -35.13 18.17
C CYS A 39 25.77 -34.26 16.95
N ASN A 40 24.83 -34.20 16.01
CA ASN A 40 25.01 -33.51 14.74
C ASN A 40 24.68 -32.03 14.89
N ARG A 41 24.60 -31.33 13.77
CA ARG A 41 24.29 -29.91 13.73
C ARG A 41 23.02 -29.70 12.91
N THR A 42 22.02 -29.06 13.51
CA THR A 42 20.75 -28.85 12.80
C THR A 42 20.22 -27.44 13.00
N PHE A 43 18.99 -27.22 12.58
CA PHE A 43 18.35 -25.91 12.69
C PHE A 43 16.84 -26.13 12.67
N ASP A 44 16.16 -25.77 13.76
CA ASP A 44 14.77 -26.12 13.96
C ASP A 44 13.88 -24.87 14.02
N GLU A 45 14.16 -23.88 13.17
CA GLU A 45 13.29 -22.73 12.99
C GLU A 45 13.24 -21.89 14.26
N TYR A 46 13.92 -22.35 15.30
CA TYR A 46 13.89 -21.70 16.60
C TYR A 46 15.26 -21.58 17.23
N ALA A 47 16.27 -22.29 16.70
CA ALA A 47 17.66 -22.13 17.10
C ALA A 47 18.54 -22.89 16.12
N CYS A 48 19.57 -22.26 15.59
CA CYS A 48 20.51 -22.97 14.72
C CYS A 48 21.36 -23.88 15.60
N TRP A 49 20.94 -25.15 15.73
CA TRP A 49 21.51 -26.10 16.69
C TRP A 49 22.83 -26.67 16.18
N PRO A 50 23.95 -26.23 16.70
CA PRO A 50 25.24 -26.79 16.26
C PRO A 50 25.58 -28.08 17.01
N ASP A 51 26.79 -28.57 16.81
CA ASP A 51 27.24 -29.75 17.55
C ASP A 51 27.22 -29.49 19.05
N GLY A 52 27.14 -30.57 19.82
CA GLY A 52 27.15 -30.49 21.26
C GLY A 52 27.48 -31.83 21.88
N GLU A 53 28.05 -31.80 23.08
CA GLU A 53 28.38 -33.03 23.78
C GLU A 53 27.15 -33.59 24.49
N PRO A 54 26.95 -34.90 24.46
CA PRO A 54 25.78 -35.48 25.14
C PRO A 54 25.88 -35.40 26.65
N GLY A 55 24.88 -35.96 27.34
CA GLY A 55 24.88 -35.96 28.78
C GLY A 55 24.41 -34.64 29.38
N SER A 56 24.66 -33.55 28.67
CA SER A 56 24.37 -32.22 29.18
C SER A 56 23.50 -31.44 28.22
N PHE A 57 22.80 -30.46 28.77
CA PHE A 57 22.18 -29.42 27.96
C PHE A 57 23.24 -28.39 27.60
N VAL A 58 22.81 -27.34 26.92
CA VAL A 58 23.64 -26.16 26.74
C VAL A 58 22.78 -24.91 26.90
N ASN A 59 22.93 -24.22 28.02
CA ASN A 59 22.11 -23.05 28.29
C ASN A 59 22.57 -21.89 27.41
N VAL A 60 22.36 -22.04 26.12
CA VAL A 60 22.72 -21.06 25.11
C VAL A 60 21.59 -20.07 24.97
N SER A 61 21.93 -18.85 24.56
CA SER A 61 20.91 -17.82 24.37
C SER A 61 19.94 -18.21 23.28
N CYS A 62 18.65 -18.21 23.62
CA CYS A 62 17.63 -18.31 22.58
C CYS A 62 17.78 -17.15 21.62
N PRO A 63 17.55 -17.37 20.32
CA PRO A 63 18.02 -16.41 19.31
C PRO A 63 17.61 -14.97 19.59
N TRP A 64 18.43 -14.05 19.10
CA TRP A 64 18.23 -12.64 19.36
C TRP A 64 17.12 -12.03 18.53
N TYR A 65 16.64 -12.70 17.49
CA TYR A 65 15.60 -12.11 16.65
C TYR A 65 14.26 -12.04 17.35
N LEU A 66 14.12 -12.62 18.53
CA LEU A 66 12.84 -12.58 19.22
C LEU A 66 12.51 -11.14 19.60
N PRO A 67 11.25 -10.72 19.50
CA PRO A 67 10.90 -9.35 19.84
C PRO A 67 11.18 -8.99 21.28
N TRP A 68 11.26 -9.98 22.17
CA TRP A 68 11.63 -9.71 23.55
C TRP A 68 13.11 -9.95 23.82
N ALA A 69 13.82 -10.63 22.90
CA ALA A 69 15.24 -10.87 23.09
C ALA A 69 15.98 -9.57 23.34
N SER A 70 15.59 -8.51 22.63
CA SER A 70 16.16 -7.19 22.88
C SER A 70 15.96 -6.75 24.33
N SER A 71 15.00 -7.35 25.03
CA SER A 71 14.78 -7.08 26.45
C SER A 71 15.30 -8.18 27.35
N VAL A 72 15.93 -9.21 26.80
CA VAL A 72 16.46 -10.28 27.64
C VAL A 72 17.80 -10.78 27.10
N PRO A 73 18.89 -10.58 27.83
CA PRO A 73 20.14 -11.25 27.46
C PRO A 73 20.19 -12.67 27.95
N GLN A 74 19.31 -13.05 28.87
CA GLN A 74 19.35 -14.34 29.55
C GLN A 74 18.38 -15.33 28.94
N GLY A 75 18.21 -15.33 27.63
CA GLY A 75 17.51 -16.43 26.98
C GLY A 75 18.29 -17.72 27.14
N HIS A 76 17.55 -18.82 27.32
CA HIS A 76 18.20 -20.11 27.60
C HIS A 76 17.29 -21.23 27.11
N VAL A 77 17.61 -21.78 25.96
CA VAL A 77 16.94 -22.96 25.41
C VAL A 77 17.92 -24.14 25.49
N TYR A 78 17.40 -25.31 25.79
CA TYR A 78 18.21 -26.48 26.05
C TYR A 78 17.90 -27.61 25.08
N ARG A 79 18.76 -28.62 25.10
CA ARG A 79 18.56 -29.84 24.33
C ARG A 79 19.47 -30.94 24.89
N PHE A 80 18.90 -32.10 25.18
CA PHE A 80 19.63 -33.21 25.79
C PHE A 80 19.95 -34.25 24.73
N CYS A 81 21.10 -34.10 24.09
CA CYS A 81 21.60 -35.15 23.21
C CYS A 81 21.86 -36.40 24.03
N THR A 82 21.10 -37.46 23.76
CA THR A 82 21.32 -38.71 24.48
C THR A 82 22.60 -39.36 23.98
N ALA A 83 23.51 -39.64 24.91
CA ALA A 83 24.73 -40.35 24.54
C ALA A 83 24.41 -41.65 23.82
N GLU A 84 23.23 -42.22 24.09
CA GLU A 84 22.70 -43.36 23.36
C GLU A 84 21.93 -42.95 22.12
N GLY A 85 22.16 -41.76 21.58
CA GLY A 85 21.54 -41.40 20.33
C GLY A 85 21.29 -39.92 20.09
N LEU A 86 20.05 -39.60 19.75
CA LEU A 86 19.66 -38.26 19.31
C LEU A 86 19.49 -37.33 20.50
N TRP A 87 18.88 -36.18 20.25
CA TRP A 87 18.51 -35.26 21.32
C TRP A 87 17.28 -35.79 22.04
N LEU A 88 16.70 -34.99 22.93
CA LEU A 88 15.62 -35.45 23.78
C LEU A 88 14.27 -35.27 23.10
N GLN A 89 13.35 -36.19 23.42
CA GLN A 89 11.93 -36.06 23.12
C GLN A 89 11.18 -36.02 24.45
N LYS A 90 9.99 -35.42 24.44
CA LYS A 90 9.25 -35.24 25.68
C LYS A 90 8.84 -36.59 26.28
N ASP A 91 8.29 -36.55 27.49
CA ASP A 91 7.96 -37.77 28.22
C ASP A 91 6.82 -38.51 27.52
N ASN A 92 7.15 -39.66 26.92
CA ASN A 92 6.28 -40.59 26.21
C ASN A 92 5.89 -40.09 24.81
N SER A 93 6.30 -38.90 24.42
CA SER A 93 6.04 -38.40 23.07
C SER A 93 7.15 -38.85 22.13
N SER A 94 7.02 -38.49 20.85
CA SER A 94 7.99 -38.87 19.83
C SER A 94 8.63 -37.69 19.13
N LEU A 95 8.13 -36.49 19.32
CA LEU A 95 8.69 -35.28 18.73
C LEU A 95 9.87 -34.78 19.56
N PRO A 96 10.82 -34.08 18.94
CA PRO A 96 11.99 -33.61 19.69
C PRO A 96 11.61 -32.58 20.73
N TRP A 97 12.25 -32.66 21.88
CA TRP A 97 11.94 -31.83 23.04
C TRP A 97 12.73 -30.53 23.01
N ARG A 98 12.15 -29.50 23.60
CA ARG A 98 12.75 -28.17 23.61
C ARG A 98 12.47 -27.53 24.96
N ASP A 99 12.69 -26.22 25.06
CA ASP A 99 12.34 -25.47 26.24
C ASP A 99 12.20 -24.01 25.86
N LEU A 100 11.41 -23.28 26.65
CA LEU A 100 11.25 -21.83 26.50
C LEU A 100 11.16 -21.14 27.85
N SER A 101 11.50 -21.82 28.95
CA SER A 101 11.01 -21.46 30.27
C SER A 101 11.16 -19.98 30.61
N GLU A 102 12.22 -19.34 30.12
CA GLU A 102 12.58 -18.03 30.64
C GLU A 102 12.48 -16.91 29.63
N CYS A 103 12.70 -17.15 28.34
CA CYS A 103 12.71 -16.06 27.37
C CYS A 103 11.40 -15.95 26.60
N GLU A 104 10.29 -16.18 27.30
CA GLU A 104 8.96 -15.90 26.76
C GLU A 104 8.61 -14.44 27.04
N GLU A 105 7.40 -14.04 26.64
CA GLU A 105 6.95 -12.67 26.87
C GLU A 105 6.70 -12.42 28.36
N SER A 112 -3.34 -2.39 26.60
CA SER A 112 -2.61 -3.24 25.66
C SER A 112 -2.94 -2.86 24.23
N SER A 113 -3.45 -3.82 23.46
CA SER A 113 -3.81 -3.63 22.06
C SER A 113 -2.60 -3.18 21.24
N PRO A 114 -1.61 -4.05 21.03
CA PRO A 114 -0.38 -3.62 20.33
C PRO A 114 -0.60 -3.15 18.91
N GLU A 115 -1.21 -3.99 18.06
CA GLU A 115 -1.36 -3.62 16.66
C GLU A 115 -2.70 -4.03 16.07
N GLU A 116 -3.68 -4.38 16.91
CA GLU A 116 -5.04 -4.61 16.41
C GLU A 116 -5.55 -3.43 15.62
N GLN A 117 -5.04 -2.23 15.93
CA GLN A 117 -5.24 -1.05 15.11
C GLN A 117 -5.13 -1.36 13.64
N LEU A 118 -4.09 -2.11 13.28
CA LEU A 118 -3.82 -2.39 11.87
C LEU A 118 -5.00 -3.08 11.21
N LEU A 119 -5.47 -4.17 11.79
CA LEU A 119 -6.53 -4.95 11.14
C LEU A 119 -7.86 -4.20 11.18
N PHE A 120 -8.18 -3.58 12.32
CA PHE A 120 -9.42 -2.80 12.38
C PHE A 120 -9.46 -1.77 11.25
N LEU A 121 -8.40 -0.97 11.13
CA LEU A 121 -8.46 0.07 10.11
C LEU A 121 -8.31 -0.50 8.72
N TYR A 122 -7.68 -1.67 8.57
CA TYR A 122 -7.69 -2.30 7.27
C TYR A 122 -9.12 -2.54 6.82
N TYR A 123 -9.93 -3.13 7.70
CA TYR A 123 -11.34 -3.31 7.37
C TYR A 123 -12.00 -1.96 7.14
N ILE A 124 -11.66 -0.97 7.98
CA ILE A 124 -12.28 0.34 7.91
C ILE A 124 -12.07 0.96 6.54
N TYR A 125 -10.95 0.70 5.89
CA TYR A 125 -10.78 1.30 4.58
C TYR A 125 -11.20 0.38 3.44
N THR A 126 -11.20 -0.94 3.64
CA THR A 126 -11.66 -1.79 2.55
C THR A 126 -13.17 -1.62 2.35
N VAL A 127 -13.91 -1.38 3.43
CA VAL A 127 -15.32 -1.03 3.27
C VAL A 127 -15.46 0.22 2.41
N GLY A 128 -14.60 1.21 2.64
CA GLY A 128 -14.71 2.46 1.92
C GLY A 128 -14.42 2.29 0.45
N TYR A 129 -13.31 1.62 0.12
CA TYR A 129 -13.04 1.33 -1.28
C TYR A 129 -14.16 0.53 -1.92
N ALA A 130 -14.79 -0.38 -1.18
CA ALA A 130 -15.91 -1.12 -1.74
C ALA A 130 -17.03 -0.18 -2.14
N LEU A 131 -17.41 0.71 -1.22
CA LEU A 131 -18.44 1.69 -1.54
C LEU A 131 -18.06 2.54 -2.75
N SER A 132 -16.80 2.98 -2.80
CA SER A 132 -16.38 3.84 -3.90
C SER A 132 -16.45 3.12 -5.24
N PHE A 133 -15.98 1.87 -5.27
CA PHE A 133 -16.04 1.09 -6.50
C PHE A 133 -17.49 0.81 -6.89
N SER A 134 -18.40 0.74 -5.91
CA SER A 134 -19.81 0.56 -6.27
C SER A 134 -20.40 1.83 -6.85
N ALA A 135 -20.03 2.99 -6.30
CA ALA A 135 -20.66 4.24 -6.71
C ALA A 135 -20.14 4.74 -8.04
N LEU A 136 -18.82 4.78 -8.20
CA LEU A 136 -18.23 5.34 -9.41
C LEU A 136 -18.64 4.57 -10.66
N VAL A 137 -18.84 3.26 -10.55
CA VAL A 137 -19.19 2.50 -11.74
C VAL A 137 -20.61 2.85 -12.20
N ILE A 138 -21.52 3.13 -11.27
CA ILE A 138 -22.85 3.57 -11.66
C ILE A 138 -22.81 4.97 -12.24
N ALA A 139 -22.03 5.86 -11.60
CA ALA A 139 -21.85 7.20 -12.15
C ALA A 139 -21.40 7.12 -13.61
N SER A 140 -20.43 6.27 -13.89
CA SER A 140 -19.96 6.12 -15.27
C SER A 140 -21.03 5.50 -16.15
N ALA A 141 -21.76 4.50 -15.64
CA ALA A 141 -22.81 3.87 -16.43
C ALA A 141 -23.83 4.88 -16.90
N ILE A 142 -24.14 5.86 -16.05
CA ILE A 142 -25.00 6.96 -16.48
C ILE A 142 -24.43 7.64 -17.72
N LEU A 143 -23.21 8.13 -17.62
CA LEU A 143 -22.61 8.97 -18.66
C LEU A 143 -22.12 8.19 -19.87
N LEU A 144 -22.38 6.90 -20.08
CA LEU A 144 -21.79 6.21 -21.23
C LEU A 144 -22.45 6.67 -22.53
N GLY A 145 -23.73 6.34 -22.69
CA GLY A 145 -24.50 6.84 -23.80
C GLY A 145 -25.95 7.06 -23.44
N PHE A 146 -26.32 6.74 -22.20
CA PHE A 146 -27.74 6.73 -21.83
C PHE A 146 -28.24 8.14 -21.59
N ARG A 147 -27.50 8.93 -20.83
CA ARG A 147 -27.76 10.35 -20.85
C ARG A 147 -27.66 10.89 -22.27
N HIS A 148 -26.68 10.40 -23.04
CA HIS A 148 -26.42 10.77 -24.42
C HIS A 148 -26.17 12.27 -24.60
N LEU A 149 -26.02 13.01 -23.50
CA LEU A 149 -25.65 14.42 -23.53
C LEU A 149 -24.29 14.46 -22.85
N HIS A 150 -23.25 14.25 -23.64
CA HIS A 150 -21.88 14.09 -23.14
C HIS A 150 -20.98 15.06 -23.92
N CYS A 151 -20.62 16.17 -23.29
CA CYS A 151 -19.71 17.12 -23.90
C CYS A 151 -18.28 16.65 -23.67
N THR A 152 -17.31 17.52 -23.95
CA THR A 152 -15.93 17.15 -23.71
C THR A 152 -15.59 17.15 -22.23
N ARG A 153 -16.14 18.09 -21.46
CA ARG A 153 -15.99 18.03 -20.01
C ARG A 153 -16.52 16.72 -19.46
N ASN A 154 -17.68 16.27 -19.97
CA ASN A 154 -18.19 14.95 -19.62
C ASN A 154 -17.20 13.86 -19.98
N TYR A 155 -16.55 13.99 -21.13
CA TYR A 155 -15.62 12.95 -21.55
C TYR A 155 -14.43 12.87 -20.60
N ILE A 156 -13.88 14.03 -20.23
CA ILE A 156 -12.76 14.05 -19.31
C ILE A 156 -13.16 13.46 -17.97
N HIS A 157 -14.37 13.76 -17.50
CA HIS A 157 -14.80 13.19 -16.22
C HIS A 157 -14.95 11.67 -16.32
N LEU A 158 -15.60 11.21 -17.40
CA LEU A 158 -15.82 9.79 -17.58
C LEU A 158 -14.50 9.05 -17.62
N ASN A 159 -13.46 9.70 -18.15
CA ASN A 159 -12.15 9.05 -18.15
C ASN A 159 -11.42 9.21 -16.84
N LEU A 160 -11.72 10.26 -16.08
CA LEU A 160 -11.18 10.36 -14.73
C LEU A 160 -11.64 9.21 -13.86
N PHE A 161 -12.92 8.85 -13.99
CA PHE A 161 -13.47 7.79 -13.14
C PHE A 161 -12.66 6.50 -13.26
N ALA A 162 -12.15 6.20 -14.46
CA ALA A 162 -11.38 4.98 -14.64
C ALA A 162 -10.16 4.95 -13.73
N SER A 163 -9.63 6.12 -13.38
CA SER A 163 -8.49 6.16 -12.48
C SER A 163 -8.85 5.59 -11.12
N PHE A 164 -9.93 6.10 -10.51
CA PHE A 164 -10.35 5.57 -9.22
C PHE A 164 -10.70 4.09 -9.34
N ILE A 165 -11.34 3.72 -10.44
CA ILE A 165 -11.69 2.32 -10.67
C ILE A 165 -10.44 1.45 -10.55
N LEU A 166 -9.43 1.75 -11.35
CA LEU A 166 -8.22 0.93 -11.34
C LEU A 166 -7.47 1.03 -10.02
N ARG A 167 -7.54 2.16 -9.33
CA ARG A 167 -6.87 2.26 -8.04
C ARG A 167 -7.48 1.29 -7.03
N ALA A 168 -8.81 1.30 -6.91
CA ALA A 168 -9.47 0.38 -6.01
C ALA A 168 -9.22 -1.06 -6.43
N LEU A 169 -9.28 -1.32 -7.74
CA LEU A 169 -9.00 -2.66 -8.24
C LEU A 169 -7.62 -3.14 -7.80
N SER A 170 -6.63 -2.27 -7.92
CA SER A 170 -5.27 -2.65 -7.56
C SER A 170 -5.15 -2.91 -6.06
N VAL A 171 -5.73 -2.03 -5.24
CA VAL A 171 -5.64 -2.24 -3.80
C VAL A 171 -6.26 -3.57 -3.41
N PHE A 172 -7.42 -3.88 -3.98
CA PHE A 172 -8.07 -5.14 -3.67
C PHE A 172 -7.20 -6.32 -4.08
N ILE A 173 -6.67 -6.29 -5.31
CA ILE A 173 -5.82 -7.38 -5.78
C ILE A 173 -4.62 -7.54 -4.86
N LYS A 174 -4.06 -6.43 -4.40
CA LYS A 174 -2.87 -6.49 -3.56
C LYS A 174 -3.18 -7.16 -2.23
N ASP A 175 -4.17 -6.63 -1.50
CA ASP A 175 -4.53 -7.24 -0.23
C ASP A 175 -4.90 -8.71 -0.40
N ALA A 176 -5.54 -9.06 -1.51
CA ALA A 176 -5.91 -10.46 -1.69
C ALA A 176 -4.68 -11.33 -1.90
N ALA A 177 -3.91 -11.04 -2.95
CA ALA A 177 -2.80 -11.91 -3.31
C ALA A 177 -1.72 -11.97 -2.25
N LEU A 178 -1.61 -10.93 -1.40
CA LEU A 178 -0.72 -11.08 -0.26
C LEU A 178 -1.27 -12.06 0.76
N LYS A 179 -2.60 -12.13 0.87
CA LYS A 179 -3.24 -13.00 1.86
C LYS A 179 -2.67 -12.72 3.24
N TRP A 180 -2.47 -11.45 3.56
CA TRP A 180 -1.84 -11.05 4.79
C TRP A 180 -2.82 -10.83 5.93
N MET A 181 -4.12 -10.73 5.63
CA MET A 181 -5.07 -10.25 6.61
C MET A 181 -5.20 -11.20 7.79
N TYR A 182 -5.01 -12.50 7.55
CA TYR A 182 -5.32 -13.50 8.57
C TYR A 182 -4.10 -14.24 9.07
N SER A 183 -2.90 -13.93 8.57
CA SER A 183 -1.68 -14.45 9.15
C SER A 183 -1.04 -13.47 10.13
N THR A 184 -1.74 -12.39 10.46
CA THR A 184 -1.17 -11.32 11.25
C THR A 184 -0.74 -11.76 12.63
N ARG A 185 -1.24 -12.90 13.10
CA ARG A 185 -0.92 -13.40 14.43
C ARG A 185 -0.26 -14.78 14.34
N ALA A 186 0.58 -14.98 13.32
CA ALA A 186 1.24 -16.26 13.13
C ALA A 186 2.31 -16.39 14.21
N GLN A 187 1.86 -16.78 15.41
CA GLN A 187 2.77 -16.92 16.54
C GLN A 187 3.85 -17.95 16.24
N GLN A 188 3.45 -19.11 15.72
CA GLN A 188 4.38 -20.20 15.50
C GLN A 188 5.19 -19.98 14.23
N HIS A 189 6.45 -20.39 14.27
CA HIS A 189 7.39 -20.10 13.20
C HIS A 189 7.08 -20.95 11.98
N GLU A 190 6.03 -20.57 11.27
CA GLU A 190 5.69 -21.15 9.98
C GLU A 190 5.87 -20.10 8.89
N TRP A 191 6.98 -19.38 8.99
CA TRP A 191 7.30 -18.24 8.15
C TRP A 191 7.99 -18.62 6.85
N ASP A 192 8.12 -19.91 6.56
CA ASP A 192 8.81 -20.36 5.36
C ASP A 192 8.16 -19.78 4.11
N GLY A 193 6.90 -20.13 3.86
CA GLY A 193 6.24 -19.67 2.66
C GLY A 193 6.10 -18.17 2.59
N LEU A 194 5.97 -17.51 3.75
CA LEU A 194 5.87 -16.05 3.77
C LEU A 194 7.05 -15.43 3.05
N LEU A 195 8.27 -15.80 3.45
CA LEU A 195 9.43 -15.33 2.74
C LEU A 195 9.48 -15.91 1.34
N ARG A 196 8.99 -17.14 1.17
CA ARG A 196 8.93 -17.73 -0.16
C ARG A 196 7.92 -17.04 -1.05
N TYR A 197 6.96 -16.31 -0.47
CA TYR A 197 6.07 -15.50 -1.30
C TYR A 197 6.68 -14.16 -1.65
N GLN A 198 7.66 -13.69 -0.89
CA GLN A 198 8.34 -12.44 -1.20
C GLN A 198 9.41 -12.62 -2.26
N ASP A 199 9.34 -13.72 -3.00
CA ASP A 199 10.21 -13.94 -4.14
C ASP A 199 9.68 -13.20 -5.36
N SER A 200 10.55 -13.06 -6.36
CA SER A 200 10.32 -12.18 -7.49
C SER A 200 9.22 -12.64 -8.41
N LEU A 201 8.44 -13.65 -8.04
CA LEU A 201 7.40 -14.15 -8.95
C LEU A 201 6.26 -13.15 -9.07
N SER A 202 5.64 -12.78 -7.95
CA SER A 202 4.41 -12.00 -7.99
C SER A 202 4.55 -10.63 -7.35
N CYS A 203 5.02 -10.58 -6.09
CA CYS A 203 5.10 -9.34 -5.31
C CYS A 203 5.60 -8.20 -6.18
N ARG A 204 6.59 -8.50 -7.03
CA ARG A 204 7.13 -7.57 -8.00
C ARG A 204 6.05 -6.96 -8.88
N LEU A 205 5.43 -7.78 -9.72
CA LEU A 205 4.50 -7.25 -10.72
C LEU A 205 3.29 -6.62 -10.05
N VAL A 206 2.75 -7.25 -8.99
CA VAL A 206 1.56 -6.72 -8.35
C VAL A 206 1.86 -5.38 -7.70
N PHE A 207 3.03 -5.24 -7.07
CA PHE A 207 3.34 -3.98 -6.42
C PHE A 207 3.62 -2.89 -7.45
N LEU A 208 4.33 -3.23 -8.53
CA LEU A 208 4.51 -2.28 -9.61
C LEU A 208 3.17 -1.83 -10.18
N LEU A 209 2.22 -2.75 -10.29
CA LEU A 209 0.91 -2.41 -10.81
C LEU A 209 0.21 -1.43 -9.89
N MET A 210 0.21 -1.71 -8.59
CA MET A 210 -0.46 -0.80 -7.67
C MET A 210 0.20 0.58 -7.72
N GLN A 211 1.52 0.61 -7.92
CA GLN A 211 2.23 1.88 -8.03
C GLN A 211 1.79 2.65 -9.27
N TYR A 212 1.80 1.98 -10.42
CA TYR A 212 1.42 2.67 -11.65
C TYR A 212 0.01 3.19 -11.57
N CYS A 213 -0.91 2.39 -11.01
CA CYS A 213 -2.29 2.84 -10.91
C CYS A 213 -2.41 4.04 -9.99
N VAL A 214 -1.78 3.98 -8.82
CA VAL A 214 -1.91 5.11 -7.91
C VAL A 214 -1.23 6.34 -8.46
N ALA A 215 -0.29 6.18 -9.40
CA ALA A 215 0.31 7.37 -10.00
C ALA A 215 -0.59 7.96 -11.08
N ALA A 216 -1.10 7.11 -11.97
CA ALA A 216 -2.05 7.57 -12.97
C ALA A 216 -3.25 8.24 -12.32
N ASN A 217 -3.62 7.80 -11.13
CA ASN A 217 -4.75 8.42 -10.44
C ASN A 217 -4.46 9.84 -10.00
N TYR A 218 -3.19 10.22 -9.87
CA TYR A 218 -2.90 11.62 -9.60
C TYR A 218 -2.72 12.41 -10.88
N TYR A 219 -2.06 11.81 -11.87
CA TYR A 219 -1.91 12.51 -13.15
C TYR A 219 -3.24 12.83 -13.79
N TRP A 220 -4.25 12.00 -13.58
CA TRP A 220 -5.53 12.28 -14.20
C TRP A 220 -6.22 13.45 -13.53
N LEU A 221 -6.11 13.54 -12.20
CA LEU A 221 -6.54 14.75 -11.53
C LEU A 221 -5.79 15.97 -12.06
N LEU A 222 -4.50 15.80 -12.36
CA LEU A 222 -3.73 16.93 -12.89
C LEU A 222 -4.26 17.35 -14.24
N VAL A 223 -4.43 16.41 -15.16
CA VAL A 223 -4.88 16.79 -16.50
C VAL A 223 -6.29 17.35 -16.43
N GLU A 224 -7.08 16.91 -15.47
CA GLU A 224 -8.39 17.51 -15.28
C GLU A 224 -8.27 18.96 -14.86
N GLY A 225 -7.38 19.25 -13.91
CA GLY A 225 -7.14 20.63 -13.54
C GLY A 225 -6.65 21.47 -14.70
N VAL A 226 -5.74 20.92 -15.50
CA VAL A 226 -5.24 21.63 -16.67
C VAL A 226 -6.38 21.97 -17.60
N TYR A 227 -7.27 21.00 -17.85
CA TYR A 227 -8.36 21.28 -18.77
C TYR A 227 -9.31 22.30 -18.19
N LEU A 228 -9.57 22.23 -16.88
CA LEU A 228 -10.38 23.27 -16.27
C LEU A 228 -9.72 24.63 -16.42
N TYR A 229 -8.41 24.67 -16.52
CA TYR A 229 -7.74 25.96 -16.67
C TYR A 229 -7.78 26.45 -18.11
N THR A 230 -7.27 25.64 -19.04
CA THR A 230 -7.18 26.06 -20.44
C THR A 230 -8.52 26.33 -21.07
N LEU A 231 -9.62 25.96 -20.42
CA LEU A 231 -10.94 26.36 -20.86
C LEU A 231 -11.31 27.73 -20.34
N LEU A 232 -10.64 28.21 -19.30
CA LEU A 232 -11.08 29.40 -18.62
C LEU A 232 -10.14 30.60 -18.79
N ALA A 233 -8.86 30.37 -19.04
CA ALA A 233 -7.93 31.48 -19.22
C ALA A 233 -7.35 31.55 -20.62
N PHE A 234 -6.83 30.45 -21.15
CA PHE A 234 -6.24 30.47 -22.49
C PHE A 234 -7.30 30.71 -23.56
N SER A 235 -8.56 30.44 -23.26
CA SER A 235 -9.69 30.87 -24.08
C SER A 235 -9.79 30.15 -25.42
N VAL A 236 -8.82 29.28 -25.74
CA VAL A 236 -8.80 28.60 -27.01
C VAL A 236 -8.63 27.10 -26.78
N ALA A 237 -9.18 26.31 -27.69
CA ALA A 237 -8.96 24.87 -27.72
C ALA A 237 -9.05 24.47 -29.19
N SER A 238 -7.89 24.37 -29.84
CA SER A 238 -7.80 24.31 -31.30
C SER A 238 -8.82 23.37 -31.91
N GLU A 239 -8.74 22.09 -31.58
CA GLU A 239 -9.62 21.05 -32.11
C GLU A 239 -9.75 19.97 -31.05
N GLN A 240 -10.17 18.78 -31.48
CA GLN A 240 -9.93 17.56 -30.71
C GLN A 240 -8.46 17.32 -30.42
N TRP A 241 -7.56 18.12 -31.01
CA TRP A 241 -6.12 17.97 -30.80
C TRP A 241 -5.76 18.11 -29.33
N ILE A 242 -6.42 19.03 -28.63
CA ILE A 242 -6.12 19.24 -27.21
C ILE A 242 -6.49 18.00 -26.41
N PHE A 243 -7.60 17.33 -26.76
CA PHE A 243 -7.97 16.12 -26.05
C PHE A 243 -7.05 14.96 -26.43
N ARG A 244 -6.65 14.90 -27.70
CA ARG A 244 -5.67 13.90 -28.11
C ARG A 244 -4.38 14.06 -27.31
N LEU A 245 -4.02 15.28 -26.94
CA LEU A 245 -2.88 15.46 -26.06
C LEU A 245 -3.19 15.03 -24.63
N TYR A 246 -4.37 15.42 -24.14
CA TYR A 246 -4.68 15.20 -22.73
C TYR A 246 -4.76 13.72 -22.39
N VAL A 247 -5.60 12.97 -23.11
CA VAL A 247 -5.73 11.55 -22.80
C VAL A 247 -4.41 10.84 -23.05
N SER A 248 -3.58 11.37 -23.95
CA SER A 248 -2.27 10.77 -24.16
C SER A 248 -1.40 10.93 -22.92
N ILE A 249 -1.33 12.15 -22.37
CA ILE A 249 -0.52 12.33 -21.18
C ILE A 249 -1.20 11.76 -19.94
N GLY A 250 -2.44 11.30 -20.08
CA GLY A 250 -3.12 10.73 -18.94
C GLY A 250 -2.51 9.43 -18.46
N TRP A 251 -2.59 8.39 -19.27
CA TRP A 251 -2.04 7.09 -18.93
C TRP A 251 -0.68 6.86 -19.55
N GLY A 252 -0.05 7.89 -20.11
CA GLY A 252 1.23 7.72 -20.75
C GLY A 252 2.38 8.25 -19.94
N VAL A 253 2.17 9.41 -19.31
CA VAL A 253 3.22 9.99 -18.47
C VAL A 253 3.57 9.13 -17.27
N PRO A 254 2.62 8.64 -16.47
CA PRO A 254 3.02 7.84 -15.30
C PRO A 254 3.81 6.61 -15.66
N LEU A 255 3.48 5.99 -16.79
CA LEU A 255 4.24 4.86 -17.29
C LEU A 255 5.66 5.26 -17.70
N LEU A 256 5.95 6.55 -17.84
CA LEU A 256 7.26 6.96 -18.27
C LEU A 256 8.30 6.88 -17.17
N PHE A 257 7.88 6.98 -15.91
CA PHE A 257 8.84 7.02 -14.82
C PHE A 257 8.62 5.92 -13.79
N VAL A 258 7.95 4.84 -14.14
CA VAL A 258 7.89 3.65 -13.30
C VAL A 258 8.62 2.48 -13.93
N VAL A 259 8.55 2.34 -15.26
CA VAL A 259 9.35 1.32 -15.92
C VAL A 259 10.83 1.58 -15.71
N PRO A 260 11.32 2.81 -15.71
CA PRO A 260 12.69 3.02 -15.21
C PRO A 260 12.88 2.55 -13.77
N TRP A 261 11.91 2.77 -12.90
CA TRP A 261 12.02 2.27 -11.53
C TRP A 261 12.22 0.76 -11.53
N GLY A 262 11.53 0.07 -12.44
CA GLY A 262 11.77 -1.36 -12.59
C GLY A 262 13.17 -1.66 -13.08
N ILE A 263 13.63 -0.91 -14.10
CA ILE A 263 15.01 -1.09 -14.56
C ILE A 263 15.96 -0.98 -13.39
N VAL A 264 15.66 -0.06 -12.48
CA VAL A 264 16.46 0.07 -11.26
C VAL A 264 16.40 -1.21 -10.46
N LYS A 265 15.20 -1.58 -10.01
CA LYS A 265 15.08 -2.57 -8.95
C LYS A 265 15.43 -3.97 -9.44
N TYR A 266 14.83 -4.40 -10.56
CA TYR A 266 14.92 -5.81 -10.94
C TYR A 266 16.36 -6.26 -11.09
N LEU A 267 17.22 -5.43 -11.67
CA LEU A 267 18.62 -5.80 -11.79
C LEU A 267 19.49 -5.23 -10.68
N ALA A 268 18.96 -4.32 -9.86
CA ALA A 268 19.79 -3.64 -8.87
C ALA A 268 19.72 -4.30 -7.49
N GLU A 269 18.56 -4.83 -7.11
CA GLU A 269 18.35 -5.35 -5.76
C GLU A 269 17.88 -6.80 -5.83
N ASP A 270 18.57 -7.66 -5.09
CA ASP A 270 18.26 -9.09 -5.07
C ASP A 270 17.06 -9.40 -4.20
N GLU A 271 16.91 -10.67 -3.82
CA GLU A 271 15.72 -11.18 -3.14
C GLU A 271 15.22 -10.25 -2.05
N GLY A 272 13.89 -10.24 -1.90
CA GLY A 272 13.24 -9.38 -0.93
C GLY A 272 12.36 -8.36 -1.61
N CYS A 273 11.04 -8.52 -1.51
CA CYS A 273 10.13 -7.54 -2.08
C CYS A 273 10.47 -6.17 -1.53
N TRP A 274 10.90 -5.27 -2.42
CA TRP A 274 11.81 -4.19 -2.02
C TRP A 274 11.24 -3.30 -0.93
N THR A 275 9.92 -3.20 -0.82
CA THR A 275 9.24 -2.45 0.24
C THR A 275 9.94 -1.16 0.63
N ARG A 276 10.44 -0.42 -0.36
CA ARG A 276 10.93 0.93 -0.16
C ARG A 276 12.11 0.97 0.82
N ASN A 277 13.17 0.25 0.45
CA ASN A 277 14.49 0.47 1.03
C ASN A 277 15.51 -0.37 0.29
N SER A 278 16.69 0.21 0.11
CA SER A 278 17.90 -0.54 -0.20
C SER A 278 19.07 0.05 0.58
N ASN A 279 18.78 0.73 1.69
CA ASN A 279 19.77 1.51 2.43
C ASN A 279 20.58 2.42 1.50
N MET A 280 19.93 2.88 0.42
CA MET A 280 20.45 3.97 -0.40
C MET A 280 19.35 4.89 -0.88
N ASN A 281 18.14 4.79 -0.31
CA ASN A 281 17.06 5.75 -0.53
C ASN A 281 16.57 5.77 -1.96
N TYR A 282 16.47 4.60 -2.58
CA TYR A 282 16.10 4.47 -3.98
C TYR A 282 14.67 4.80 -4.27
N TRP A 283 13.87 5.33 -3.35
CA TRP A 283 12.42 5.44 -3.55
C TRP A 283 11.97 6.81 -3.99
N LEU A 284 12.76 7.50 -4.80
CA LEU A 284 12.34 8.80 -5.29
C LEU A 284 11.83 8.78 -6.70
N ILE A 285 12.34 7.86 -7.53
CA ILE A 285 12.01 7.84 -8.95
C ILE A 285 10.51 7.76 -9.17
N ILE A 286 9.78 7.16 -8.24
CA ILE A 286 8.32 7.11 -8.36
C ILE A 286 7.66 8.26 -7.64
N ARG A 287 8.09 8.58 -6.41
CA ARG A 287 7.29 9.49 -5.58
C ARG A 287 7.51 10.95 -5.91
N LEU A 288 8.67 11.31 -6.47
CA LEU A 288 8.92 12.72 -6.78
C LEU A 288 7.88 13.28 -7.75
N PRO A 289 7.61 12.66 -8.89
CA PRO A 289 6.59 13.23 -9.79
C PRO A 289 5.20 13.24 -9.19
N ILE A 290 4.91 12.37 -8.22
CA ILE A 290 3.61 12.44 -7.55
C ILE A 290 3.48 13.75 -6.80
N LEU A 291 4.52 14.12 -6.05
CA LEU A 291 4.50 15.41 -5.38
C LEU A 291 4.46 16.55 -6.38
N PHE A 292 5.14 16.40 -7.51
CA PHE A 292 5.07 17.36 -8.60
C PHE A 292 3.62 17.61 -9.01
N ALA A 293 2.91 16.53 -9.35
CA ALA A 293 1.53 16.63 -9.79
C ALA A 293 0.64 17.21 -8.69
N ILE A 294 0.90 16.84 -7.44
CA ILE A 294 0.10 17.38 -6.34
C ILE A 294 0.26 18.89 -6.26
N GLY A 295 1.50 19.36 -6.39
CA GLY A 295 1.73 20.81 -6.36
C GLY A 295 1.01 21.52 -7.49
N VAL A 296 1.05 20.94 -8.69
CA VAL A 296 0.39 21.57 -9.83
C VAL A 296 -1.11 21.67 -9.58
N ASN A 297 -1.73 20.55 -9.19
CA ASN A 297 -3.17 20.58 -8.92
C ASN A 297 -3.52 21.56 -7.83
N PHE A 298 -2.69 21.66 -6.80
CA PHE A 298 -2.98 22.59 -5.72
C PHE A 298 -2.99 24.03 -6.22
N LEU A 299 -1.97 24.40 -7.00
CA LEU A 299 -1.95 25.76 -7.54
C LEU A 299 -3.16 26.02 -8.41
N ILE A 300 -3.55 25.04 -9.22
CA ILE A 300 -4.72 25.22 -10.08
C ILE A 300 -5.97 25.43 -9.24
N PHE A 301 -6.09 24.69 -8.13
CA PHE A 301 -7.19 24.92 -7.21
C PHE A 301 -7.22 26.36 -6.74
N VAL A 302 -6.05 26.90 -6.38
CA VAL A 302 -6.03 28.27 -5.87
C VAL A 302 -6.52 29.24 -6.94
N ARG A 303 -6.00 29.10 -8.16
CA ARG A 303 -6.40 30.03 -9.21
C ARG A 303 -7.89 29.92 -9.51
N VAL A 304 -8.43 28.71 -9.46
CA VAL A 304 -9.85 28.54 -9.77
C VAL A 304 -10.72 29.13 -8.67
N ILE A 305 -10.31 28.97 -7.40
CA ILE A 305 -11.09 29.62 -6.35
C ILE A 305 -11.05 31.12 -6.52
N CYS A 306 -9.92 31.66 -6.97
CA CYS A 306 -9.85 33.10 -7.20
C CYS A 306 -10.81 33.51 -8.31
N ILE A 307 -10.78 32.79 -9.43
CA ILE A 307 -11.66 33.09 -10.55
C ILE A 307 -13.11 33.08 -10.09
N VAL A 308 -13.50 32.03 -9.38
CA VAL A 308 -14.90 31.90 -8.99
C VAL A 308 -15.29 33.01 -8.05
N VAL A 309 -14.49 33.26 -7.02
CA VAL A 309 -14.89 34.28 -6.06
C VAL A 309 -14.90 35.65 -6.70
N SER A 310 -14.16 35.83 -7.80
CA SER A 310 -14.32 37.06 -8.57
C SER A 310 -15.68 37.09 -9.24
N LYS A 311 -15.93 36.12 -10.13
CA LYS A 311 -17.17 36.10 -10.89
C LYS A 311 -18.41 36.11 -10.00
N LEU A 312 -18.27 35.77 -8.73
CA LEU A 312 -19.41 35.82 -7.83
C LEU A 312 -19.65 37.23 -7.33
N LYS A 313 -18.67 38.12 -7.47
CA LYS A 313 -18.88 39.48 -7.03
C LYS A 313 -19.78 40.20 -8.02
N ALA A 314 -21.10 40.05 -7.87
CA ALA A 314 -22.07 40.60 -8.80
C ALA A 314 -23.27 41.12 -8.00
N ASN A 315 -24.36 41.39 -8.71
CA ASN A 315 -25.63 41.81 -8.10
C ASN A 315 -25.49 43.01 -7.17
N THR A 320 -22.59 39.58 2.87
CA THR A 320 -22.54 38.50 3.84
C THR A 320 -23.08 37.23 3.19
N ASP A 321 -23.68 37.39 2.01
CA ASP A 321 -24.23 36.28 1.25
C ASP A 321 -23.20 35.66 0.32
N ILE A 322 -21.91 35.84 0.60
CA ILE A 322 -20.88 35.36 -0.32
C ILE A 322 -20.29 34.08 0.25
N GLN A 323 -19.69 34.18 1.43
CA GLN A 323 -19.04 33.03 2.05
C GLN A 323 -20.01 31.87 2.15
N CYS A 324 -21.20 32.12 2.71
CA CYS A 324 -22.16 31.05 2.94
C CYS A 324 -22.48 30.29 1.67
N ARG A 325 -22.45 30.99 0.53
CA ARG A 325 -22.65 30.36 -0.77
C ARG A 325 -21.34 29.88 -1.37
N LEU A 326 -20.22 30.51 -1.01
CA LEU A 326 -18.93 30.07 -1.49
C LEU A 326 -18.57 28.68 -0.98
N ALA A 327 -19.09 28.31 0.19
CA ALA A 327 -18.78 27.01 0.77
C ALA A 327 -19.34 25.89 -0.09
N LYS A 328 -20.61 26.01 -0.50
CA LYS A 328 -21.23 24.98 -1.33
C LYS A 328 -20.50 24.79 -2.64
N SER A 329 -19.60 25.70 -3.01
CA SER A 329 -18.80 25.55 -4.20
C SER A 329 -17.43 24.95 -3.90
N THR A 330 -16.72 25.51 -2.92
CA THR A 330 -15.37 25.02 -2.66
C THR A 330 -15.40 23.60 -2.08
N LEU A 331 -16.50 23.22 -1.43
CA LEU A 331 -16.63 21.84 -0.99
C LEU A 331 -16.89 20.91 -2.16
N THR A 332 -17.57 21.40 -3.20
CA THR A 332 -17.71 20.61 -4.40
C THR A 332 -16.38 20.47 -5.12
N LEU A 333 -15.52 21.47 -5.00
CA LEU A 333 -14.31 21.46 -5.82
C LEU A 333 -13.21 20.60 -5.23
N ILE A 334 -13.15 20.46 -3.90
CA ILE A 334 -12.08 19.70 -3.26
C ILE A 334 -11.97 18.29 -3.83
N PRO A 335 -13.01 17.46 -3.83
CA PRO A 335 -12.83 16.11 -4.34
C PRO A 335 -12.53 16.06 -5.83
N LEU A 336 -12.95 17.07 -6.58
CA LEU A 336 -12.67 17.09 -8.02
C LEU A 336 -11.17 17.03 -8.26
N LEU A 337 -10.44 18.00 -7.73
CA LEU A 337 -8.99 17.96 -7.71
C LEU A 337 -8.54 17.06 -6.57
N GLY A 338 -7.26 17.09 -6.23
CA GLY A 338 -6.79 16.27 -5.14
C GLY A 338 -6.43 17.06 -3.90
N THR A 339 -7.06 18.22 -3.73
CA THR A 339 -6.68 19.14 -2.67
C THR A 339 -6.67 18.49 -1.30
N HIS A 340 -7.33 17.34 -1.13
CA HIS A 340 -7.24 16.62 0.13
C HIS A 340 -5.87 15.97 0.30
N GLU A 341 -5.29 15.47 -0.79
CA GLU A 341 -4.08 14.67 -0.70
C GLU A 341 -2.91 15.47 -0.13
N VAL A 342 -2.90 16.79 -0.35
CA VAL A 342 -1.75 17.59 0.06
C VAL A 342 -1.56 17.51 1.57
N ILE A 343 -2.65 17.46 2.33
CA ILE A 343 -2.52 17.40 3.78
C ILE A 343 -1.84 16.11 4.20
N PHE A 344 -2.27 14.98 3.61
CA PHE A 344 -1.63 13.72 3.94
C PHE A 344 -0.16 13.74 3.56
N ALA A 345 0.15 14.22 2.36
CA ALA A 345 1.55 14.31 1.95
C ALA A 345 2.35 15.22 2.87
N PHE A 346 1.70 16.15 3.56
CA PHE A 346 2.38 17.01 4.50
C PHE A 346 2.50 16.41 5.90
N VAL A 347 1.67 15.41 6.23
CA VAL A 347 1.71 14.80 7.55
C VAL A 347 2.33 13.40 7.55
N MET A 348 2.13 12.62 6.50
CA MET A 348 2.51 11.21 6.57
C MET A 348 3.98 10.98 6.23
N ASP A 349 4.54 11.80 5.34
CA ASP A 349 5.86 11.54 4.80
C ASP A 349 6.90 11.35 5.89
N GLU A 350 7.90 10.53 5.59
CA GLU A 350 9.01 10.31 6.51
C GLU A 350 10.13 9.62 5.74
N HIS A 351 11.36 10.01 6.04
CA HIS A 351 12.53 9.51 5.32
C HIS A 351 12.81 8.05 5.60
N ALA A 352 11.96 7.34 6.34
CA ALA A 352 12.23 5.95 6.64
C ALA A 352 10.93 5.16 6.61
N ARG A 353 11.08 3.87 6.33
CA ARG A 353 9.98 2.92 6.27
C ARG A 353 9.80 2.27 7.63
N GLY A 354 9.00 1.20 7.69
CA GLY A 354 8.82 0.42 8.88
C GLY A 354 7.36 0.23 9.20
N THR A 355 7.09 -0.30 10.39
CA THR A 355 5.72 -0.46 10.84
C THR A 355 5.03 0.90 10.93
N LEU A 356 5.76 1.93 11.35
CA LEU A 356 5.19 3.26 11.35
C LEU A 356 4.77 3.68 9.96
N ARG A 357 5.55 3.29 8.95
CA ARG A 357 5.18 3.59 7.57
C ARG A 357 3.84 2.95 7.24
N PHE A 358 3.67 1.68 7.57
CA PHE A 358 2.41 0.99 7.26
C PHE A 358 1.25 1.64 7.99
N ILE A 359 1.40 1.89 9.28
CA ILE A 359 0.31 2.45 10.07
C ILE A 359 -0.10 3.82 9.51
N LYS A 360 0.89 4.70 9.31
CA LYS A 360 0.56 6.03 8.82
C LYS A 360 -0.04 5.97 7.42
N LEU A 361 0.56 5.17 6.54
CA LEU A 361 0.07 5.08 5.17
C LEU A 361 -1.33 4.51 5.15
N PHE A 362 -1.65 3.62 6.08
CA PHE A 362 -2.99 3.05 6.09
C PHE A 362 -4.01 4.01 6.66
N THR A 363 -3.63 4.85 7.62
CA THR A 363 -4.54 5.90 8.06
C THR A 363 -4.86 6.86 6.92
N GLU A 364 -3.81 7.28 6.21
CA GLU A 364 -3.99 8.01 4.95
C GLU A 364 -4.99 7.31 4.05
N LEU A 365 -4.70 6.05 3.72
CA LEU A 365 -5.49 5.30 2.77
C LEU A 365 -6.91 5.06 3.28
N SER A 366 -7.13 5.21 4.59
CA SER A 366 -8.47 5.14 5.14
C SER A 366 -9.24 6.42 4.86
N PHE A 367 -8.73 7.56 5.34
CA PHE A 367 -9.43 8.81 5.04
C PHE A 367 -9.48 9.12 3.56
N THR A 368 -8.69 8.43 2.73
CA THR A 368 -8.68 8.66 1.30
C THR A 368 -9.64 7.74 0.56
N SER A 369 -9.90 6.56 1.13
CA SER A 369 -10.82 5.61 0.52
C SER A 369 -12.17 6.24 0.17
N PHE A 370 -12.60 7.23 0.93
CA PHE A 370 -13.95 7.76 0.78
C PHE A 370 -14.07 8.73 -0.37
N GLN A 371 -13.00 9.41 -0.74
CA GLN A 371 -13.15 10.42 -1.77
C GLN A 371 -13.29 9.84 -3.15
N GLY A 372 -13.49 8.52 -3.25
CA GLY A 372 -14.00 7.94 -4.46
C GLY A 372 -15.51 8.08 -4.52
N LEU A 373 -16.16 7.93 -3.37
CA LEU A 373 -17.60 8.13 -3.28
C LEU A 373 -17.97 9.58 -3.55
N MET A 374 -17.22 10.50 -2.96
CA MET A 374 -17.61 11.90 -2.99
C MET A 374 -17.66 12.43 -4.42
N VAL A 375 -16.64 12.10 -5.22
CA VAL A 375 -16.63 12.59 -6.60
C VAL A 375 -17.83 12.06 -7.36
N ALA A 376 -18.09 10.77 -7.24
CA ALA A 376 -19.19 10.17 -7.99
C ALA A 376 -20.53 10.78 -7.59
N ILE A 377 -20.74 10.97 -6.30
CA ILE A 377 -22.05 11.46 -5.87
C ILE A 377 -22.19 12.94 -6.14
N LEU A 378 -21.08 13.69 -6.21
CA LEU A 378 -21.17 15.14 -6.43
C LEU A 378 -21.15 15.54 -7.89
N TYR A 379 -20.62 14.72 -8.79
CA TYR A 379 -20.52 15.14 -10.18
C TYR A 379 -21.35 14.29 -11.12
N CYS A 380 -22.19 13.40 -10.61
CA CYS A 380 -23.16 12.73 -11.45
C CYS A 380 -24.52 12.53 -10.81
N PHE A 381 -24.73 12.93 -9.55
CA PHE A 381 -25.98 12.66 -8.86
C PHE A 381 -26.67 13.90 -8.31
N VAL A 382 -26.04 15.07 -8.32
CA VAL A 382 -26.63 16.22 -7.65
C VAL A 382 -26.74 17.45 -8.53
N ASN A 383 -26.02 17.48 -9.65
CA ASN A 383 -26.17 18.62 -10.53
C ASN A 383 -27.57 18.63 -11.16
N ASN A 384 -27.89 19.71 -11.87
CA ASN A 384 -29.23 19.83 -12.41
C ASN A 384 -29.46 18.86 -13.56
N GLU A 385 -28.46 18.70 -14.43
CA GLU A 385 -28.68 17.93 -15.65
C GLU A 385 -28.89 16.45 -15.37
N VAL A 386 -28.13 15.89 -14.42
CA VAL A 386 -28.24 14.46 -14.16
C VAL A 386 -29.62 14.13 -13.62
N GLN A 387 -30.11 14.94 -12.68
CA GLN A 387 -31.48 14.75 -12.20
C GLN A 387 -32.47 14.94 -13.34
N LEU A 388 -32.22 15.92 -14.21
CA LEU A 388 -33.15 16.18 -15.30
C LEU A 388 -33.26 14.98 -16.24
N GLU A 389 -32.20 14.18 -16.34
CA GLU A 389 -32.31 12.97 -17.17
C GLU A 389 -33.51 12.12 -16.75
N PHE A 390 -33.55 11.73 -15.47
CA PHE A 390 -34.69 10.95 -14.99
C PHE A 390 -35.96 11.77 -15.05
N ARG A 391 -35.89 13.04 -14.64
CA ARG A 391 -37.05 13.92 -14.62
C ARG A 391 -37.72 14.01 -15.98
N LYS A 392 -37.00 13.69 -17.05
CA LYS A 392 -37.61 13.69 -18.38
C LYS A 392 -37.89 12.29 -18.91
N SER A 393 -37.11 11.28 -18.50
CA SER A 393 -37.30 9.94 -19.06
C SER A 393 -38.41 9.15 -18.37
N TRP A 394 -38.64 9.36 -17.06
CA TRP A 394 -39.87 8.87 -16.47
C TRP A 394 -41.07 9.35 -17.27
N GLU A 395 -40.99 10.58 -17.78
CA GLU A 395 -42.06 11.15 -18.60
C GLU A 395 -42.12 10.56 -19.99
N ARG A 396 -41.33 9.54 -20.29
CA ARG A 396 -41.54 8.71 -21.48
C ARG A 396 -41.87 7.27 -21.16
N TRP A 397 -41.38 6.74 -20.04
CA TRP A 397 -41.67 5.35 -19.71
C TRP A 397 -43.11 5.17 -19.25
N ARG A 398 -43.47 5.78 -18.11
CA ARG A 398 -44.83 5.75 -17.57
C ARG A 398 -45.24 7.15 -17.16
C36 82L B . 3.99 -11.42 5.70
C35 82L B . 4.69 -11.61 6.85
C33 82L B . 3.04 -10.27 8.00
C37 82L B . 2.84 -10.69 5.63
C34 82L B . 4.21 -11.03 8.00
C32 82L B . 2.23 -10.16 9.26
N3 82L B . 4.30 -5.42 0.38
C4 82L B . 4.62 -6.73 0.28
C7 82L B . 4.46 -5.09 1.72
C6 82L B . 4.87 -6.24 2.34
C13 82L B . 2.11 0.44 0.12
C20 82L B . 1.83 -6.57 4.26
C21 82L B . 2.27 -6.79 5.69
C8 82L B . 4.22 -3.78 2.39
N5 82L B . 4.96 -7.27 1.42
C18 82L B . 1.35 -4.95 2.55
C26 82L B . 2.12 -5.29 8.83
C1 82L B . 2.45 -4.76 -1.08
C10 82L B . 2.91 -1.87 1.36
C11 82L B . 3.87 -0.93 1.03
C12 82L B . 3.46 0.23 0.39
C14 82L B . 1.15 -0.50 0.46
C15 82L B . 1.56 -1.67 1.10
C17 82L B . 1.70 -3.60 2.03
C2 82L B . 3.88 -4.51 -0.70
C22 82L B . 1.24 -6.21 6.66
C23 82L B . 1.00 -4.74 6.29
C24 82L B . 0.63 -4.60 4.83
C25 82L B . 1.75 -6.36 8.07
C27 82L B . 2.71 -5.52 10.06
C28 82L B . 2.89 -6.81 10.50
C29 82L B . 2.46 -7.83 9.67
C38 82L B . 2.39 -10.13 6.79
C41 82L B . 4.46 1.27 0.02
F39 82L B . 1.25 -9.42 6.77
F40 82L B . 4.46 -11.99 4.56
N16 82L B . 0.82 -2.76 1.53
N19 82L B . 1.68 -5.15 3.96
N30 82L B . 1.89 -7.62 8.49
N9 82L B . 2.99 -3.12 1.95
O31 82L B . 2.68 -9.10 10.10
O42 82L B . 4.13 2.31 -0.51
O43 82L B . 5.69 0.97 0.33
#